data_5TBX
#
_entry.id   5TBX
#
_cell.length_a   41.473
_cell.length_b   56.149
_cell.length_c   72.431
_cell.angle_alpha   90.000
_cell.angle_beta   90.000
_cell.angle_gamma   90.000
#
_symmetry.space_group_name_H-M   'P 21 21 21'
#
loop_
_entity.id
_entity.type
_entity.pdbx_description
1 polymer 'Cold-inducible RNA-binding protein'
2 non-polymer 'ACETATE ION'
3 non-polymer 'NICKEL (II) ION'
4 water water
#
_entity_poly.entity_id   1
_entity_poly.type   'polypeptide(L)'
_entity_poly.pdbx_seq_one_letter_code
;GMASDEGKLFVGGLSFDTNEQSLEQVFSKYGQISEVVVVKDRETQRSRGFGFVTFENIDDAKDAMMAMNGKSVDGRQIRV
DQAGKSSDNRSR
;
_entity_poly.pdbx_strand_id   A,B
#
# COMPACT_ATOMS: atom_id res chain seq x y z
N SER A 4 15.87 16.32 8.52
CA SER A 4 14.90 16.56 9.60
C SER A 4 13.53 15.97 9.25
N ASP A 5 13.20 15.94 7.97
CA ASP A 5 11.92 15.42 7.51
C ASP A 5 12.08 13.92 7.29
N GLU A 6 11.38 13.11 8.09
CA GLU A 6 11.53 11.66 7.96
C GLU A 6 10.91 11.12 6.67
N GLY A 7 10.13 11.90 5.96
CA GLY A 7 9.59 11.45 4.68
C GLY A 7 10.50 11.78 3.52
N LYS A 8 11.65 12.39 3.80
CA LYS A 8 12.51 12.87 2.74
C LYS A 8 13.72 11.96 2.63
N LEU A 9 13.96 11.43 1.43
CA LEU A 9 15.06 10.52 1.18
C LEU A 9 16.12 11.23 0.34
N PHE A 10 17.37 11.05 0.74
CA PHE A 10 18.53 11.32 -0.10
C PHE A 10 18.76 10.16 -1.07
N VAL A 11 18.92 10.48 -2.35
CA VAL A 11 19.22 9.49 -3.36
C VAL A 11 20.52 9.89 -4.04
N GLY A 12 21.56 9.06 -3.89
CA GLY A 12 22.89 9.40 -4.34
C GLY A 12 23.38 8.44 -5.40
N GLY A 13 24.49 8.82 -6.05
CA GLY A 13 25.11 7.97 -7.03
C GLY A 13 24.39 7.95 -8.37
N LEU A 14 23.64 8.99 -8.67
CA LEU A 14 22.90 9.08 -9.91
C LEU A 14 23.82 9.22 -11.11
N SER A 15 23.35 8.67 -12.23
CA SER A 15 24.02 8.90 -13.50
C SER A 15 23.91 10.37 -13.86
N PHE A 16 24.80 10.80 -14.73
CA PHE A 16 24.93 12.21 -15.07
C PHE A 16 23.65 12.79 -15.66
N ASP A 17 22.81 11.95 -16.28
CA ASP A 17 21.60 12.42 -16.98
C ASP A 17 20.30 11.97 -16.31
N THR A 18 20.37 11.34 -15.14
CA THR A 18 19.18 11.01 -14.37
C THR A 18 18.49 12.30 -13.94
N ASN A 19 17.17 12.40 -14.17
CA ASN A 19 16.45 13.63 -13.91
C ASN A 19 15.26 13.35 -13.00
N GLU A 20 14.54 14.41 -12.66
CA GLU A 20 13.37 14.28 -11.78
C GLU A 20 12.37 13.29 -12.32
N GLN A 21 12.25 13.17 -13.66
CA GLN A 21 11.30 12.24 -14.27
C GLN A 21 11.64 10.81 -13.93
N SER A 22 12.90 10.43 -14.04
CA SER A 22 13.23 9.04 -13.75
C SER A 22 13.07 8.74 -12.27
N LEU A 23 13.40 9.69 -11.38
CA LEU A 23 13.20 9.47 -9.96
C LEU A 23 11.73 9.32 -9.60
N GLU A 24 10.88 10.19 -10.12
CA GLU A 24 9.46 10.08 -9.82
C GLU A 24 8.90 8.76 -10.31
N GLN A 25 9.22 8.37 -11.54
CA GLN A 25 8.70 7.11 -12.05
C GLN A 25 9.12 5.97 -11.17
N VAL A 26 10.38 5.95 -10.74
CA VAL A 26 10.90 4.84 -9.93
C VAL A 26 10.28 4.85 -8.55
N PHE A 27 10.35 5.99 -7.87
CA PHE A 27 9.98 6.02 -6.46
C PHE A 27 8.47 6.06 -6.27
N SER A 28 7.70 6.41 -7.29
CA SER A 28 6.26 6.50 -7.08
C SER A 28 5.61 5.14 -6.84
N LYS A 29 6.34 4.06 -7.07
CA LYS A 29 5.80 2.75 -6.80
C LYS A 29 5.48 2.59 -5.31
N TYR A 30 6.15 3.35 -4.45
CA TYR A 30 6.08 3.13 -3.01
C TYR A 30 5.09 4.05 -2.30
N GLY A 31 4.53 5.03 -2.99
CA GLY A 31 3.53 5.89 -2.40
C GLY A 31 3.58 7.28 -3.01
N GLN A 32 2.72 8.15 -2.49
CA GLN A 32 2.53 9.48 -3.06
C GLN A 32 3.73 10.36 -2.77
N ILE A 33 4.19 11.08 -3.77
CA ILE A 33 5.40 11.89 -3.68
C ILE A 33 5.01 13.36 -3.66
N SER A 34 5.56 14.11 -2.73
CA SER A 34 5.24 15.54 -2.65
C SER A 34 6.26 16.43 -3.35
N GLU A 35 7.52 16.03 -3.42
CA GLU A 35 8.54 16.85 -4.06
C GLU A 35 9.61 15.88 -4.55
N VAL A 36 10.18 16.17 -5.71
CA VAL A 36 11.34 15.44 -6.23
C VAL A 36 12.30 16.43 -6.87
N VAL A 37 13.58 16.28 -6.60
CA VAL A 37 14.55 17.25 -7.11
C VAL A 37 15.87 16.53 -7.32
N VAL A 38 16.55 16.89 -8.40
CA VAL A 38 17.94 16.55 -8.58
C VAL A 38 18.71 17.84 -8.34
N VAL A 39 19.66 17.78 -7.41
CA VAL A 39 20.39 18.96 -7.03
C VAL A 39 21.38 19.32 -8.11
N LYS A 40 21.42 20.60 -8.45
CA LYS A 40 22.18 21.11 -9.58
C LYS A 40 23.02 22.28 -9.13
N ASP A 41 24.15 22.50 -9.82
CA ASP A 41 24.89 23.74 -9.61
C ASP A 41 23.99 24.89 -10.00
N ARG A 42 23.95 25.89 -9.14
CA ARG A 42 23.05 27.03 -9.36
C ARG A 42 23.38 27.78 -10.63
N GLU A 43 24.64 28.15 -10.82
CA GLU A 43 25.04 28.92 -12.00
C GLU A 43 24.90 28.08 -13.26
N THR A 44 25.56 26.93 -13.31
CA THR A 44 25.69 26.16 -14.52
C THR A 44 24.56 25.17 -14.76
N GLN A 45 23.76 24.88 -13.74
CA GLN A 45 22.69 23.91 -13.82
C GLN A 45 23.19 22.49 -14.08
N ARG A 46 24.47 22.21 -13.81
CA ARG A 46 24.95 20.84 -13.96
C ARG A 46 24.61 20.02 -12.72
N SER A 47 24.16 18.80 -12.95
CA SER A 47 23.73 17.93 -11.87
C SER A 47 24.88 17.57 -10.97
N ARG A 48 24.65 17.62 -9.67
CA ARG A 48 25.60 17.17 -8.68
C ARG A 48 25.51 15.67 -8.41
N GLY A 49 24.64 14.95 -9.14
CA GLY A 49 24.61 13.50 -9.04
C GLY A 49 23.89 12.95 -7.82
N PHE A 50 23.15 13.78 -7.12
CA PHE A 50 22.25 13.29 -6.09
C PHE A 50 21.00 14.12 -6.06
N GLY A 51 20.00 13.61 -5.34
CA GLY A 51 18.75 14.30 -5.28
C GLY A 51 17.97 13.92 -4.04
N PHE A 52 16.75 14.41 -3.96
CA PHE A 52 15.87 14.19 -2.83
C PHE A 52 14.46 13.87 -3.30
N VAL A 53 13.86 12.91 -2.63
CA VAL A 53 12.51 12.46 -2.93
C VAL A 53 11.75 12.48 -1.62
N THR A 54 10.68 13.28 -1.55
CA THR A 54 9.92 13.43 -0.33
C THR A 54 8.58 12.74 -0.50
N PHE A 55 8.26 11.81 0.40
CA PHE A 55 6.96 11.16 0.36
C PHE A 55 5.97 11.86 1.30
N GLU A 56 4.70 11.86 0.92
CA GLU A 56 3.70 12.43 1.82
C GLU A 56 3.58 11.61 3.10
N ASN A 57 3.76 10.30 3.01
CA ASN A 57 3.58 9.41 4.14
C ASN A 57 4.96 8.86 4.54
N ILE A 58 5.34 9.05 5.79
CA ILE A 58 6.68 8.68 6.21
C ILE A 58 6.95 7.18 6.11
N ASP A 59 5.93 6.36 6.31
CA ASP A 59 6.14 4.92 6.17
C ASP A 59 6.50 4.55 4.75
N ASP A 60 5.97 5.30 3.78
CA ASP A 60 6.30 5.05 2.37
C ASP A 60 7.75 5.37 2.10
N ALA A 61 8.27 6.46 2.68
CA ALA A 61 9.71 6.75 2.57
C ALA A 61 10.54 5.60 3.13
N LYS A 62 10.19 5.08 4.31
CA LYS A 62 10.90 3.94 4.85
C LYS A 62 10.82 2.77 3.87
N ASP A 63 9.64 2.49 3.32
CA ASP A 63 9.53 1.41 2.35
C ASP A 63 10.42 1.64 1.16
N ALA A 64 10.45 2.85 0.64
CA ALA A 64 11.24 3.11 -0.55
C ALA A 64 12.74 2.95 -0.28
N MET A 65 13.19 3.42 0.87
CA MET A 65 14.58 3.21 1.23
C MET A 65 14.96 1.74 1.23
N MET A 66 14.19 0.91 1.91
CA MET A 66 14.54 -0.51 1.98
C MET A 66 14.52 -1.13 0.59
N ALA A 67 13.56 -0.73 -0.23
CA ALA A 67 13.41 -1.38 -1.54
C ALA A 67 14.42 -0.89 -2.57
N MET A 68 14.83 0.39 -2.53
CA MET A 68 15.64 0.96 -3.60
C MET A 68 17.11 1.09 -3.30
N ASN A 69 17.51 1.12 -2.03
CA ASN A 69 18.90 1.29 -1.69
C ASN A 69 19.71 0.18 -2.34
N GLY A 70 20.66 0.55 -3.18
CA GLY A 70 21.53 -0.44 -3.80
C GLY A 70 21.06 -0.94 -5.15
N LYS A 71 19.91 -0.49 -5.62
CA LYS A 71 19.35 -0.93 -6.88
C LYS A 71 19.89 -0.08 -8.02
N SER A 72 19.78 -0.60 -9.23
CA SER A 72 20.40 0.01 -10.40
C SER A 72 19.42 0.95 -11.08
N VAL A 73 19.83 2.18 -11.31
CA VAL A 73 19.06 3.17 -12.04
C VAL A 73 19.96 3.74 -13.12
N ASP A 74 19.57 3.58 -14.39
CA ASP A 74 20.36 4.06 -15.51
C ASP A 74 21.81 3.58 -15.37
N GLY A 75 21.97 2.31 -15.03
CA GLY A 75 23.27 1.70 -15.05
C GLY A 75 24.11 1.94 -13.82
N ARG A 76 23.62 2.72 -12.87
CA ARG A 76 24.36 3.02 -11.65
C ARG A 76 23.63 2.56 -10.41
N GLN A 77 24.38 1.94 -9.50
CA GLN A 77 23.86 1.48 -8.23
C GLN A 77 23.65 2.68 -7.32
N ILE A 78 22.42 2.95 -6.96
CA ILE A 78 22.14 4.13 -6.17
C ILE A 78 22.22 3.82 -4.69
N ARG A 79 22.45 4.87 -3.91
CA ARG A 79 22.40 4.89 -2.46
C ARG A 79 21.18 5.68 -2.01
N VAL A 80 20.39 5.12 -1.11
CA VAL A 80 19.16 5.74 -0.61
C VAL A 80 19.19 5.73 0.91
N ASP A 81 19.01 6.89 1.51
CA ASP A 81 19.18 7.09 2.94
C ASP A 81 18.14 8.13 3.35
N GLN A 82 17.78 8.16 4.62
CA GLN A 82 17.03 9.30 5.12
C GLN A 82 17.85 10.57 4.92
N ALA A 83 17.20 11.63 4.45
CA ALA A 83 17.89 12.89 4.23
C ALA A 83 18.36 13.43 5.57
N GLY A 84 19.63 13.82 5.63
CA GLY A 84 20.20 14.38 6.84
C GLY A 84 20.10 15.89 6.89
N LYS A 85 20.76 16.53 7.82
CA LYS A 85 20.60 17.96 7.97
C LYS A 85 21.54 18.77 7.09
N SER A 86 20.97 19.61 6.21
CA SER A 86 21.61 20.47 5.20
C SER A 86 21.06 20.22 3.79
N GLY B 1 -25.81 -4.25 2.91
CA GLY B 1 -26.05 -3.07 3.81
C GLY B 1 -26.63 -1.86 3.08
N MET B 2 -26.29 -0.65 3.52
CA MET B 2 -26.80 0.59 2.93
C MET B 2 -25.75 1.66 2.90
N ALA B 3 -25.63 2.34 4.05
CA ALA B 3 -24.64 3.39 4.23
C ALA B 3 -23.24 2.76 4.32
N SER B 4 -22.22 3.55 3.91
CA SER B 4 -20.86 3.01 3.80
C SER B 4 -20.23 2.92 5.18
N ASP B 5 -19.40 1.89 5.38
CA ASP B 5 -18.68 1.71 6.63
C ASP B 5 -17.17 1.77 6.33
N GLU B 6 -16.59 2.95 6.49
CA GLU B 6 -15.15 3.13 6.78
C GLU B 6 -14.35 2.39 5.72
N GLY B 7 -13.26 1.76 6.10
CA GLY B 7 -12.43 1.00 5.21
C GLY B 7 -12.77 -0.44 5.46
N LYS B 8 -14.07 -0.74 5.51
CA LYS B 8 -14.53 -2.12 5.67
C LYS B 8 -15.04 -2.67 4.35
N LEU B 9 -14.58 -3.87 4.02
CA LEU B 9 -14.95 -4.59 2.80
C LEU B 9 -15.81 -5.81 3.14
N PHE B 10 -16.81 -6.03 2.34
CA PHE B 10 -17.59 -7.24 2.34
C PHE B 10 -16.87 -8.22 1.42
N VAL B 11 -16.73 -9.45 1.90
CA VAL B 11 -16.11 -10.51 1.09
C VAL B 11 -17.11 -11.67 1.08
N GLY B 12 -17.65 -11.96 -0.11
CA GLY B 12 -18.69 -12.96 -0.24
C GLY B 12 -18.26 -14.09 -1.17
N GLY B 13 -19.10 -15.12 -1.21
CA GLY B 13 -18.81 -16.25 -2.06
C GLY B 13 -17.71 -17.13 -1.53
N LEU B 14 -17.45 -17.04 -0.25
CA LEU B 14 -16.41 -17.84 0.41
C LEU B 14 -16.74 -19.31 0.43
N SER B 15 -15.70 -20.12 0.36
CA SER B 15 -15.89 -21.55 0.49
C SER B 15 -16.18 -21.88 1.93
N PHE B 16 -16.90 -22.98 2.14
CA PHE B 16 -17.34 -23.37 3.47
C PHE B 16 -16.17 -23.46 4.45
N ASP B 17 -14.97 -23.76 3.97
CA ASP B 17 -13.79 -23.93 4.80
C ASP B 17 -12.94 -22.67 4.96
N THR B 18 -13.30 -21.57 4.30
CA THR B 18 -12.50 -20.35 4.41
C THR B 18 -12.66 -19.74 5.79
N ASN B 19 -11.56 -19.37 6.41
CA ASN B 19 -11.55 -18.85 7.75
C ASN B 19 -10.80 -17.53 7.77
N GLU B 20 -10.74 -16.92 8.96
CA GLU B 20 -10.14 -15.61 9.09
C GLU B 20 -8.67 -15.63 8.73
N GLN B 21 -7.99 -16.78 8.94
CA GLN B 21 -6.57 -16.89 8.57
C GLN B 21 -6.39 -16.73 7.06
N SER B 22 -7.23 -17.41 6.28
CA SER B 22 -7.15 -17.31 4.82
C SER B 22 -7.34 -15.87 4.36
N LEU B 23 -8.35 -15.19 4.91
CA LEU B 23 -8.58 -13.81 4.54
C LEU B 23 -7.41 -12.90 4.93
N GLU B 24 -6.88 -13.06 6.14
CA GLU B 24 -5.82 -12.15 6.58
C GLU B 24 -4.58 -12.30 5.72
N GLN B 25 -4.15 -13.52 5.45
CA GLN B 25 -2.97 -13.73 4.61
C GLN B 25 -3.11 -13.08 3.26
N VAL B 26 -4.29 -13.12 2.68
CA VAL B 26 -4.43 -12.64 1.31
C VAL B 26 -4.63 -11.12 1.29
N PHE B 27 -5.47 -10.60 2.17
CA PHE B 27 -5.77 -9.18 2.13
C PHE B 27 -4.68 -8.32 2.77
N SER B 28 -3.87 -8.85 3.69
CA SER B 28 -2.84 -8.01 4.32
C SER B 28 -1.84 -7.45 3.30
N LYS B 29 -1.79 -8.02 2.11
CA LYS B 29 -0.91 -7.45 1.10
C LYS B 29 -1.20 -5.96 0.88
N TYR B 30 -2.45 -5.52 1.08
CA TYR B 30 -2.87 -4.18 0.65
C TYR B 30 -2.80 -3.15 1.76
N GLY B 31 -2.54 -3.58 2.98
CA GLY B 31 -2.39 -2.65 4.07
C GLY B 31 -2.71 -3.32 5.40
N GLN B 32 -2.59 -2.51 6.44
CA GLN B 32 -2.78 -2.99 7.79
C GLN B 32 -4.26 -3.25 8.07
N ILE B 33 -4.56 -4.41 8.65
CA ILE B 33 -5.92 -4.87 8.86
C ILE B 33 -6.27 -4.68 10.34
N SER B 34 -7.32 -3.93 10.63
CA SER B 34 -7.72 -3.80 12.03
C SER B 34 -8.60 -4.96 12.50
N GLU B 35 -9.29 -5.63 11.58
CA GLU B 35 -10.28 -6.63 11.94
C GLU B 35 -10.55 -7.56 10.78
N VAL B 36 -10.74 -8.84 11.07
CA VAL B 36 -11.13 -9.82 10.06
C VAL B 36 -12.17 -10.74 10.69
N VAL B 37 -13.28 -10.96 9.99
CA VAL B 37 -14.29 -11.86 10.54
C VAL B 37 -14.93 -12.63 9.41
N VAL B 38 -15.18 -13.90 9.67
CA VAL B 38 -16.06 -14.72 8.86
C VAL B 38 -17.36 -14.80 9.66
N VAL B 39 -18.45 -14.38 9.03
CA VAL B 39 -19.68 -14.23 9.79
C VAL B 39 -20.25 -15.61 10.04
N LYS B 40 -20.67 -15.87 11.26
CA LYS B 40 -21.24 -17.16 11.62
C LYS B 40 -22.57 -16.99 12.35
N ASP B 41 -23.43 -18.01 12.25
CA ASP B 41 -24.65 -18.06 13.07
C ASP B 41 -24.26 -18.06 14.54
N ARG B 42 -24.89 -17.21 15.35
CA ARG B 42 -24.41 -17.00 16.72
C ARG B 42 -24.50 -18.27 17.58
N GLU B 43 -25.48 -19.14 17.37
CA GLU B 43 -25.55 -20.29 18.29
C GLU B 43 -24.94 -21.56 17.71
N THR B 44 -25.08 -21.81 16.41
CA THR B 44 -24.51 -22.99 15.79
C THR B 44 -23.05 -22.81 15.40
N GLN B 45 -22.61 -21.57 15.21
CA GLN B 45 -21.26 -21.20 14.78
C GLN B 45 -20.98 -21.64 13.35
N ARG B 46 -22.00 -21.96 12.58
CA ARG B 46 -21.81 -22.36 11.19
C ARG B 46 -21.57 -21.13 10.33
N SER B 47 -20.55 -21.18 9.49
CA SER B 47 -20.22 -20.05 8.63
C SER B 47 -21.38 -19.69 7.71
N ARG B 48 -21.60 -18.39 7.52
CA ARG B 48 -22.59 -17.90 6.59
C ARG B 48 -22.03 -17.65 5.19
N GLY B 49 -20.74 -17.94 4.95
CA GLY B 49 -20.20 -17.86 3.60
C GLY B 49 -19.78 -16.48 3.16
N PHE B 50 -19.80 -15.51 4.06
CA PHE B 50 -19.26 -14.20 3.76
C PHE B 50 -18.58 -13.67 5.01
N GLY B 51 -17.81 -12.62 4.84
CA GLY B 51 -17.14 -12.00 5.96
C GLY B 51 -16.79 -10.56 5.67
N PHE B 52 -16.06 -9.96 6.61
CA PHE B 52 -15.67 -8.56 6.53
C PHE B 52 -14.18 -8.41 6.84
N VAL B 53 -13.50 -7.54 6.08
CA VAL B 53 -12.11 -7.16 6.30
C VAL B 53 -12.05 -5.66 6.46
N THR B 54 -11.54 -5.21 7.59
CA THR B 54 -11.44 -3.79 7.86
C THR B 54 -9.99 -3.40 7.76
N PHE B 55 -9.70 -2.41 6.93
CA PHE B 55 -8.39 -1.79 6.88
C PHE B 55 -8.36 -0.53 7.76
N GLU B 56 -7.18 -0.26 8.30
CA GLU B 56 -7.01 0.95 9.11
C GLU B 56 -7.04 2.20 8.22
N ASN B 57 -6.56 2.09 6.97
CA ASN B 57 -6.50 3.21 6.03
C ASN B 57 -7.56 2.99 4.95
N ILE B 58 -8.43 3.97 4.73
CA ILE B 58 -9.53 3.72 3.79
C ILE B 58 -9.03 3.52 2.38
N ASP B 59 -7.92 4.17 2.01
CA ASP B 59 -7.38 3.98 0.67
C ASP B 59 -6.94 2.53 0.43
N ASP B 60 -6.44 1.86 1.46
CA ASP B 60 -6.04 0.46 1.33
C ASP B 60 -7.24 -0.43 1.05
N ALA B 61 -8.38 -0.11 1.65
CA ALA B 61 -9.58 -0.90 1.39
C ALA B 61 -10.02 -0.76 -0.07
N LYS B 62 -9.89 0.45 -0.65
CA LYS B 62 -10.17 0.63 -2.06
C LYS B 62 -9.21 -0.20 -2.91
N ASP B 63 -7.92 -0.10 -2.64
CA ASP B 63 -6.94 -0.93 -3.32
C ASP B 63 -7.32 -2.40 -3.27
N ALA B 64 -7.68 -2.89 -2.10
CA ALA B 64 -7.92 -4.33 -1.98
C ALA B 64 -9.17 -4.74 -2.72
N MET B 65 -10.21 -3.90 -2.71
CA MET B 65 -11.41 -4.21 -3.47
C MET B 65 -11.12 -4.33 -4.95
N MET B 66 -10.35 -3.38 -5.51
CA MET B 66 -10.00 -3.45 -6.93
C MET B 66 -9.18 -4.69 -7.24
N ALA B 67 -8.26 -5.04 -6.36
CA ALA B 67 -7.32 -6.10 -6.67
C ALA B 67 -7.92 -7.49 -6.45
N MET B 68 -8.82 -7.65 -5.47
CA MET B 68 -9.30 -8.96 -5.01
C MET B 68 -10.70 -9.34 -5.50
N ASN B 69 -11.50 -8.38 -5.95
CA ASN B 69 -12.82 -8.74 -6.47
C ASN B 69 -12.64 -9.69 -7.63
N GLY B 70 -13.18 -10.91 -7.51
CA GLY B 70 -13.14 -11.89 -8.58
C GLY B 70 -12.01 -12.89 -8.50
N LYS B 71 -11.11 -12.75 -7.54
CA LYS B 71 -10.04 -13.69 -7.35
C LYS B 71 -10.53 -14.94 -6.65
N SER B 72 -9.67 -15.95 -6.60
CA SER B 72 -10.02 -17.25 -6.08
C SER B 72 -9.36 -17.42 -4.74
N VAL B 73 -10.16 -17.71 -3.72
CA VAL B 73 -9.70 -18.10 -2.41
C VAL B 73 -10.33 -19.46 -2.13
N ASP B 74 -9.49 -20.48 -1.92
CA ASP B 74 -9.94 -21.83 -1.62
C ASP B 74 -10.91 -22.34 -2.69
N GLY B 75 -10.60 -22.08 -3.94
CA GLY B 75 -11.36 -22.65 -5.03
C GLY B 75 -12.67 -21.96 -5.36
N ARG B 76 -12.98 -20.82 -4.75
CA ARG B 76 -14.16 -20.04 -5.11
C ARG B 76 -13.78 -18.62 -5.51
N GLN B 77 -14.46 -18.10 -6.53
CA GLN B 77 -14.34 -16.70 -6.94
C GLN B 77 -15.06 -15.81 -5.95
N ILE B 78 -14.32 -14.97 -5.23
CA ILE B 78 -14.94 -14.17 -4.21
C ILE B 78 -15.48 -12.89 -4.82
N ARG B 79 -16.46 -12.31 -4.15
CA ARG B 79 -16.99 -11.00 -4.48
C ARG B 79 -16.55 -10.03 -3.41
N VAL B 80 -15.94 -8.92 -3.79
CA VAL B 80 -15.41 -7.97 -2.82
C VAL B 80 -16.03 -6.61 -3.09
N ASP B 81 -16.65 -6.04 -2.08
CA ASP B 81 -17.47 -4.84 -2.21
C ASP B 81 -17.22 -3.97 -0.98
N GLN B 82 -17.42 -2.67 -1.15
CA GLN B 82 -17.54 -1.81 0.01
C GLN B 82 -18.66 -2.33 0.90
N ALA B 83 -18.40 -2.47 2.19
CA ALA B 83 -19.43 -3.01 3.07
C ALA B 83 -20.50 -1.97 3.36
N GLY B 84 -21.71 -2.44 3.56
CA GLY B 84 -22.77 -1.55 3.98
C GLY B 84 -23.12 -1.76 5.44
N LYS B 85 -23.67 -0.75 6.09
CA LYS B 85 -24.22 -0.90 7.42
C LYS B 85 -25.49 -1.76 7.39
N SER B 86 -25.56 -2.74 8.29
CA SER B 86 -26.60 -3.76 8.26
C SER B 86 -26.58 -4.51 9.59
N SER B 87 -27.63 -5.31 9.81
CA SER B 87 -27.78 -6.11 11.03
C SER B 87 -26.87 -7.33 11.06
N ASP B 88 -26.14 -7.61 9.98
CA ASP B 88 -25.17 -8.70 9.91
C ASP B 88 -23.74 -8.19 9.86
N ASN B 89 -23.55 -6.87 9.81
CA ASN B 89 -22.24 -6.23 9.97
C ASN B 89 -22.08 -5.81 11.44
N ARG B 90 -21.91 -6.81 12.32
CA ARG B 90 -21.96 -6.56 13.76
C ARG B 90 -20.56 -6.39 14.37
N SER B 91 -19.90 -5.34 13.88
CA SER B 91 -18.64 -4.81 14.40
C SER B 91 -18.30 -3.54 13.62
N ARG B 92 -17.25 -2.84 14.07
CA ARG B 92 -16.75 -1.61 13.42
C ARG B 92 -15.35 -1.29 13.94
#